data_5NY8
#
_entry.id   5NY8
#
_cell.length_a   83.390
_cell.length_b   83.390
_cell.length_c   66.330
_cell.angle_alpha   90.00
_cell.angle_beta   90.00
_cell.angle_gamma   120.00
#
_symmetry.space_group_name_H-M   'P 31 2 1'
#
loop_
_entity.id
_entity.type
_entity.pdbx_description
1 polymer 'RNA (41-MER)'
2 non-polymer AMINOGUANIDINE
3 non-polymer 'MAGNESIUM ION'
4 non-polymer 'SODIUM ION'
5 water water
#
_entity_poly.entity_id   1
_entity_poly.type   'polyribonucleotide'
_entity_poly.pdbx_seq_one_letter_code
;CCGGACGAGGUGCGCCGUACCCGGUCAGGACAAGACGG(CBV)GC
;
_entity_poly.pdbx_strand_id   A,B
#
loop_
_chem_comp.id
_chem_comp.type
_chem_comp.name
_chem_comp.formula
A RNA linking ADENOSINE-5'-MONOPHOSPHATE 'C10 H14 N5 O7 P'
AGU non-polymer AMINOGUANIDINE 'C H6 N4'
C RNA linking CYTIDINE-5'-MONOPHOSPHATE 'C9 H14 N3 O8 P'
CBV RNA linking '5-BROMOCYTIDINE 5'-(DIHYDROGEN PHOSPHATE)' 'C9 H13 Br N3 O8 P'
G RNA linking GUANOSINE-5'-MONOPHOSPHATE 'C10 H14 N5 O8 P'
MG non-polymer 'MAGNESIUM ION' 'Mg 2'
NA non-polymer 'SODIUM ION' 'Na 1'
U RNA linking URIDINE-5'-MONOPHOSPHATE 'C9 H13 N2 O9 P'
#
# COMPACT_ATOMS: atom_id res chain seq x y z
O3P CBV A 39 -16.34 6.70 -7.30
P CBV A 39 -15.86 8.07 -7.64
O1P CBV A 39 -17.01 8.85 -7.10
O2P CBV A 39 -15.34 8.17 -9.06
O5' CBV A 39 -14.65 8.49 -6.70
C5' CBV A 39 -14.82 8.49 -5.31
C4' CBV A 39 -13.54 8.92 -4.68
O4' CBV A 39 -12.49 8.02 -5.07
C3' CBV A 39 -13.01 10.26 -5.14
O3' CBV A 39 -13.68 11.32 -4.53
C2' CBV A 39 -11.55 10.17 -4.75
O2' CBV A 39 -11.37 10.35 -3.36
C1' CBV A 39 -11.27 8.72 -5.08
N1 CBV A 39 -10.67 8.59 -6.42
C2 CBV A 39 -9.27 8.99 -6.58
O2 CBV A 39 -8.67 9.40 -5.66
N3 CBV A 39 -8.69 8.86 -7.89
C4 CBV A 39 -9.45 8.35 -9.01
N4 CBV A 39 -8.80 8.25 -10.30
C5 CBV A 39 -10.84 7.96 -8.83
C6 CBV A 39 -11.46 8.09 -7.50
BR CBV A 39 -11.89 7.31 -10.28
H5'1 CBV A 39 -15.53 9.10 -5.06
H5'2 CBV A 39 -15.05 7.59 -5.00
H4' CBV A 39 -13.62 8.92 -3.70
H3' CBV A 39 -13.10 10.33 -6.11
HO3' CBV A 39 -13.86 11.12 -3.72
H2' CBV A 39 -11.00 10.77 -5.27
HO2' CBV A 39 -11.19 9.60 -2.99
H1' CBV A 39 -10.67 8.34 -4.42
HN41 CBV A 39 -7.98 8.48 -10.40
HN42 CBV A 39 -9.24 7.95 -10.98
H6 CBV A 39 -12.35 7.84 -7.38
O3P CBV B 39 10.32 -8.70 8.60
P CBV B 39 9.85 -8.20 7.25
O1P CBV B 39 8.68 -7.97 8.17
O2P CBV B 39 9.43 -9.30 6.32
O5' CBV B 39 11.44 -8.18 7.42
C5' CBV B 39 12.29 -8.51 6.34
C4' CBV B 39 13.73 -8.46 6.77
O4' CBV B 39 13.97 -7.28 7.58
C3' CBV B 39 14.16 -9.59 7.69
O3' CBV B 39 14.34 -10.79 7.00
C2' CBV B 39 15.42 -9.01 8.32
O2' CBV B 39 16.51 -8.99 7.41
C1' CBV B 39 14.98 -7.56 8.53
N1 CBV B 39 14.41 -7.39 9.88
C2 CBV B 39 15.37 -7.45 11.00
O2 CBV B 39 16.53 -7.59 10.77
N3 CBV B 39 14.88 -7.32 12.37
C4 CBV B 39 13.48 -7.16 12.64
N4 CBV B 39 13.00 -7.03 14.00
C5 CBV B 39 12.51 -7.12 11.52
C6 CBV B 39 12.99 -7.24 10.13
BR CBV B 39 10.65 -6.87 11.95
H5'1 CBV B 39 12.08 -9.41 6.03
H5'2 CBV B 39 12.15 -7.88 5.61
H4' CBV B 39 14.30 -8.45 5.99
H3' CBV B 39 13.50 -9.71 8.38
HO3' CBV B 39 14.94 -10.70 6.41
H2' CBV B 39 15.64 -9.44 9.15
HO2' CBV B 39 16.99 -8.32 7.56
H1' CBV B 39 15.73 -6.96 8.40
HN41 CBV B 39 13.56 -7.05 14.66
HN42 CBV B 39 12.16 -6.92 14.15
H6 CBV B 39 12.39 -7.21 9.42
C AGU C . -3.72 -1.11 -7.92
N1 AGU C . -4.63 -1.82 -8.80
N2 AGU C . -2.48 -1.01 -8.17
N3 AGU C . -4.25 -0.57 -6.70
N4 AGU C . -3.40 0.10 -5.78
HN1 AGU C . -4.33 -2.14 -9.54
HN21 AGU C . -2.16 -1.35 -8.92
HN22 AGU C . -5.45 -1.87 -8.60
HN3 AGU C . -5.09 -0.65 -6.52
HN41 AGU C . -3.76 0.88 -5.55
HN42 AGU C . -2.61 0.24 -6.17
MG MG D . 6.44 -8.90 -8.52
MG MG E . -8.82 -11.38 1.65
NA NA F . -8.25 12.18 -15.09
MG MG G . 14.40 -5.22 20.43
#